data_4GZO
#
_entry.id   4GZO
#
_cell.length_a   110.091
_cell.length_b   110.091
_cell.length_c   77.748
_cell.angle_alpha   90.00
_cell.angle_beta   90.00
_cell.angle_gamma   90.00
#
_symmetry.space_group_name_H-M   'P 4 21 2'
#
loop_
_entity.id
_entity.type
_entity.pdbx_description
1 polymer neuraminidase
2 branched alpha-D-mannopyranose-(1-3)-[alpha-D-mannopyranose-(1-6)]beta-D-mannopyranose-(1-4)-2-acetamido-2-deoxy-beta-D-glucopyranose-(1-4)-2-acetamido-2-deoxy-beta-D-glucopyranose
3 non-polymer '4-(2-HYDROXYETHYL)-1-PIPERAZINE ETHANESULFONIC ACID'
4 non-polymer 2-acetamido-2-deoxy-beta-D-glucopyranose
5 non-polymer 'CALCIUM ION'
6 water water
#
_entity_poly.entity_id   1
_entity_poly.type   'polypeptide(L)'
_entity_poly.pdbx_seq_one_letter_code
;GSPSRAEYRNWSKPQCDITGFAPFSKDNSIRLSAGGDIWVTREPYVSCDPDKCYQFALGQGTTLNNVHSNNTVRDRTPYR
TLLMNELGVPFHLGTKQVCIAWSSSSCHDGKAWLHVCITGDDKNATASFIYNGRLVDSVVSWSKEILRTQESECVCINGT
CTVVMTDGSASGKADTKILFIEEGKIVHTSTLSGSAQHVEECSCYPRYPGVRCVCRDNWKGSNRPIVDINIKDHSIVSSY
VCSGLVGDTPRKNDSSSSSHCLDPNNEEGGHGVKGWAFDDGNDVWMGRTINETSRLGYETFKVIEGWSNPKSKLQINRQV
IVDRGNRSGYSGIFSVEGKSCINRCFYVELIRGRKEETEVLWTSNSIVVFCGTSGTYGTGSWPDGADLNLMPI
;
_entity_poly.pdbx_strand_id   A
#
# COMPACT_ATOMS: atom_id res chain seq x y z
N ALA A 6 -23.36 -15.82 5.56
CA ALA A 6 -22.02 -15.17 5.64
C ALA A 6 -21.88 -14.46 6.99
N GLU A 7 -20.71 -14.59 7.61
CA GLU A 7 -20.41 -13.92 8.88
C GLU A 7 -19.36 -12.83 8.68
N TYR A 8 -19.23 -11.96 9.68
CA TYR A 8 -18.18 -10.93 9.71
C TYR A 8 -16.81 -11.52 9.99
N ARG A 9 -15.79 -11.00 9.31
CA ARG A 9 -14.41 -11.32 9.63
C ARG A 9 -14.01 -10.61 10.93
N ASN A 10 -13.57 -11.40 11.91
CA ASN A 10 -12.98 -10.88 13.14
C ASN A 10 -11.49 -10.93 13.06
N TRP A 11 -10.95 -11.88 12.30
CA TRP A 11 -9.49 -12.17 12.28
C TRP A 11 -8.94 -12.53 13.66
N SER A 12 -9.75 -13.18 14.49
CA SER A 12 -9.36 -13.53 15.85
C SER A 12 -8.56 -14.82 15.85
N LYS A 13 -7.45 -14.79 15.11
CA LYS A 13 -6.55 -15.93 14.95
C LYS A 13 -5.10 -15.43 15.05
N PRO A 14 -4.16 -16.30 15.46
CA PRO A 14 -2.74 -15.92 15.54
C PRO A 14 -2.13 -15.65 14.17
N GLN A 15 -1.15 -14.75 14.11
CA GLN A 15 -0.38 -14.53 12.89
C GLN A 15 0.42 -15.81 12.58
N CYS A 16 0.47 -16.19 11.30
CA CYS A 16 1.13 -17.44 10.91
C CYS A 16 2.65 -17.39 11.15
N ASP A 17 3.26 -18.56 11.37
CA ASP A 17 4.72 -18.70 11.33
C ASP A 17 5.31 -18.19 10.01
N ILE A 18 6.26 -17.29 10.10
CA ILE A 18 6.81 -16.72 8.88
C ILE A 18 8.32 -16.88 8.80
N THR A 19 8.78 -17.65 7.83
CA THR A 19 10.21 -17.87 7.69
C THR A 19 10.74 -17.13 6.45
N GLY A 20 9.87 -16.32 5.84
CA GLY A 20 10.13 -15.60 4.61
C GLY A 20 8.89 -15.63 3.73
N PHE A 21 9.03 -15.24 2.47
CA PHE A 21 7.89 -15.12 1.58
C PHE A 21 8.05 -15.99 0.33
N ALA A 22 6.93 -16.52 -0.14
CA ALA A 22 6.89 -17.39 -1.31
C ALA A 22 6.15 -16.68 -2.45
N PRO A 23 6.56 -16.91 -3.71
CA PRO A 23 5.90 -16.36 -4.90
C PRO A 23 4.39 -16.65 -4.92
N PHE A 24 3.59 -15.69 -5.39
CA PHE A 24 2.13 -15.82 -5.36
C PHE A 24 1.40 -15.35 -6.62
N SER A 25 1.71 -14.15 -7.10
CA SER A 25 1.19 -13.72 -8.40
C SER A 25 2.07 -12.73 -9.16
N LYS A 26 1.90 -12.67 -10.47
CA LYS A 26 2.48 -11.63 -11.31
C LYS A 26 1.52 -11.36 -12.48
N ASP A 27 1.32 -10.10 -12.89
CA ASP A 27 0.42 -9.90 -14.03
C ASP A 27 1.03 -9.49 -15.39
N ASN A 28 2.31 -9.15 -15.42
CA ASN A 28 3.00 -8.93 -16.70
C ASN A 28 2.26 -7.92 -17.56
N SER A 29 1.56 -7.04 -16.87
CA SER A 29 0.66 -6.06 -17.46
C SER A 29 1.32 -5.21 -18.57
N ILE A 30 2.56 -4.79 -18.36
CA ILE A 30 3.19 -3.92 -19.35
C ILE A 30 3.64 -4.70 -20.59
N ARG A 31 4.06 -5.94 -20.40
CA ARG A 31 4.46 -6.78 -21.53
C ARG A 31 3.24 -7.16 -22.36
N LEU A 32 2.12 -7.33 -21.67
CA LEU A 32 0.88 -7.68 -22.32
C LEU A 32 0.38 -6.48 -23.12
N SER A 33 0.53 -5.28 -22.56
CA SER A 33 0.06 -4.07 -23.21
C SER A 33 0.78 -3.74 -24.52
N ALA A 34 1.78 -4.56 -24.87
CA ALA A 34 2.55 -4.41 -26.11
C ALA A 34 1.84 -5.07 -27.29
N GLY A 35 0.81 -5.84 -26.99
CA GLY A 35 0.06 -6.54 -28.02
C GLY A 35 -1.28 -6.94 -27.46
N GLY A 36 -1.99 -5.94 -26.92
CA GLY A 36 -3.29 -6.16 -26.31
C GLY A 36 -3.76 -4.87 -25.69
N ASP A 37 -5.03 -4.82 -25.32
CA ASP A 37 -5.60 -3.64 -24.69
C ASP A 37 -5.63 -3.76 -23.17
N ILE A 38 -4.62 -3.16 -22.54
CA ILE A 38 -4.42 -3.19 -21.10
C ILE A 38 -4.49 -1.75 -20.58
N TRP A 39 -5.17 -1.58 -19.45
CA TRP A 39 -5.37 -0.28 -18.80
C TRP A 39 -4.04 0.31 -18.35
N VAL A 40 -3.94 1.63 -18.36
CA VAL A 40 -2.81 2.30 -17.77
C VAL A 40 -3.14 2.51 -16.29
N THR A 41 -2.24 2.08 -15.42
CA THR A 41 -2.52 2.15 -13.98
C THR A 41 -1.36 2.68 -13.16
N ARG A 42 -1.67 3.08 -11.93
CA ARG A 42 -0.68 3.19 -10.86
C ARG A 42 -1.39 2.97 -9.52
N GLU A 43 -0.63 3.03 -8.44
CA GLU A 43 -1.17 2.87 -7.08
C GLU A 43 -2.02 1.60 -6.91
N PRO A 44 -1.46 0.45 -7.28
CA PRO A 44 -2.24 -0.78 -7.16
C PRO A 44 -2.23 -1.38 -5.75
N TYR A 45 -3.05 -2.41 -5.55
CA TYR A 45 -3.04 -3.19 -4.31
C TYR A 45 -3.80 -4.46 -4.48
N VAL A 46 -3.58 -5.37 -3.55
CA VAL A 46 -4.30 -6.62 -3.51
C VAL A 46 -5.15 -6.58 -2.24
N SER A 47 -6.34 -7.16 -2.34
CA SER A 47 -7.18 -7.47 -1.18
C SER A 47 -8.09 -8.66 -1.52
N CYS A 48 -8.49 -9.41 -0.51
CA CYS A 48 -9.14 -10.67 -0.75
C CYS A 48 -10.43 -10.77 0.03
N ASP A 49 -11.47 -11.32 -0.60
CA ASP A 49 -12.67 -11.75 0.12
C ASP A 49 -12.39 -13.07 0.83
N PRO A 50 -13.34 -13.60 1.62
CA PRO A 50 -13.05 -14.88 2.29
C PRO A 50 -12.70 -16.07 1.36
N ASP A 51 -12.89 -15.94 0.05
CA ASP A 51 -12.60 -17.05 -0.86
C ASP A 51 -11.32 -16.84 -1.67
N LYS A 52 -11.09 -15.60 -2.10
CA LYS A 52 -10.15 -15.34 -3.18
C LYS A 52 -9.75 -13.90 -3.25
N CYS A 53 -8.64 -13.64 -3.92
CA CYS A 53 -8.03 -12.32 -3.92
C CYS A 53 -8.35 -11.55 -5.17
N TYR A 54 -8.32 -10.23 -5.01
CA TYR A 54 -8.49 -9.28 -6.09
C TYR A 54 -7.31 -8.33 -6.17
N GLN A 55 -6.85 -8.04 -7.38
CA GLN A 55 -5.90 -6.93 -7.61
C GLN A 55 -6.73 -5.70 -7.96
N PHE A 56 -6.32 -4.57 -7.39
CA PHE A 56 -6.93 -3.28 -7.63
C PHE A 56 -5.85 -2.35 -8.14
N ALA A 57 -6.25 -1.27 -8.81
CA ALA A 57 -5.33 -0.22 -9.20
C ALA A 57 -6.12 1.03 -9.54
N LEU A 58 -5.43 2.18 -9.60
CA LEU A 58 -6.07 3.41 -10.04
C LEU A 58 -5.80 3.58 -11.52
N GLY A 59 -6.86 3.50 -12.33
CA GLY A 59 -6.69 3.58 -13.77
C GLY A 59 -6.49 5.01 -14.18
N GLN A 60 -6.03 5.23 -15.41
CA GLN A 60 -5.95 6.59 -15.93
C GLN A 60 -7.03 6.81 -17.00
N GLY A 61 -8.08 5.99 -16.93
CA GLY A 61 -9.21 6.14 -17.83
C GLY A 61 -8.76 5.93 -19.25
N THR A 62 -7.75 5.08 -19.43
CA THR A 62 -7.23 4.78 -20.75
C THR A 62 -6.54 3.42 -20.74
N THR A 63 -6.36 2.86 -21.94
CA THR A 63 -5.49 1.72 -22.15
C THR A 63 -4.14 2.26 -22.60
N LEU A 64 -3.15 1.39 -22.72
CA LEU A 64 -1.79 1.82 -23.01
C LEU A 64 -1.54 2.18 -24.48
N ASN A 65 -1.88 1.27 -25.39
CA ASN A 65 -1.68 1.51 -26.82
C ASN A 65 -2.79 2.40 -27.35
N ASN A 66 -2.79 3.63 -26.83
CA ASN A 66 -3.94 4.51 -26.85
C ASN A 66 -3.37 5.92 -26.76
N VAL A 67 -3.85 6.83 -27.59
CA VAL A 67 -3.33 8.21 -27.59
C VAL A 67 -3.50 8.91 -26.23
N HIS A 68 -4.53 8.53 -25.49
CA HIS A 68 -4.83 9.08 -24.15
C HIS A 68 -3.83 8.69 -23.06
N SER A 69 -2.95 7.75 -23.34
CA SER A 69 -1.91 7.38 -22.38
C SER A 69 -0.75 8.41 -22.28
N ASN A 70 -0.75 9.42 -23.14
CA ASN A 70 0.22 10.50 -23.02
C ASN A 70 -0.03 11.27 -21.73
N ASN A 71 1.02 11.50 -20.94
CA ASN A 71 0.95 12.25 -19.68
C ASN A 71 0.26 11.55 -18.53
N THR A 72 0.31 10.22 -18.48
CA THR A 72 -0.34 9.53 -17.38
C THR A 72 0.54 9.57 -16.15
N VAL A 73 1.65 10.33 -16.28
CA VAL A 73 2.48 10.75 -15.14
C VAL A 73 1.67 11.49 -14.05
N ARG A 74 0.68 12.27 -14.48
CA ARG A 74 -0.18 13.06 -13.59
C ARG A 74 -0.87 12.23 -12.52
N ASP A 75 -0.97 12.80 -11.33
CA ASP A 75 -1.47 12.05 -10.18
C ASP A 75 -2.98 12.01 -10.06
N ARG A 76 -3.64 13.14 -10.34
CA ARG A 76 -5.12 13.23 -10.26
C ARG A 76 -5.76 13.87 -11.49
N THR A 77 -6.50 13.08 -12.26
CA THR A 77 -7.42 13.57 -13.29
C THR A 77 -8.86 13.10 -12.96
N PRO A 78 -9.87 13.73 -13.61
CA PRO A 78 -11.27 13.28 -13.57
C PRO A 78 -11.52 11.87 -14.12
N TYR A 79 -10.56 11.31 -14.85
CA TYR A 79 -10.73 10.02 -15.55
C TYR A 79 -10.18 8.83 -14.75
N ARG A 80 -9.56 9.11 -13.61
CA ARG A 80 -9.08 8.02 -12.75
C ARG A 80 -10.21 7.30 -12.01
N THR A 81 -10.27 5.98 -12.24
CA THR A 81 -11.20 5.11 -11.52
C THR A 81 -10.46 3.95 -10.90
N LEU A 82 -11.05 3.37 -9.85
CA LEU A 82 -10.54 2.17 -9.21
C LEU A 82 -10.94 0.94 -10.01
N LEU A 83 -9.95 0.25 -10.58
CA LEU A 83 -10.14 -0.99 -11.33
C LEU A 83 -10.05 -2.13 -10.39
N MET A 84 -10.95 -3.09 -10.53
CA MET A 84 -10.95 -4.27 -9.68
C MET A 84 -11.11 -5.51 -10.54
N ASN A 85 -10.07 -6.35 -10.53
CA ASN A 85 -10.13 -7.69 -11.10
C ASN A 85 -9.86 -8.74 -10.04
N GLU A 86 -10.12 -10.00 -10.39
CA GLU A 86 -9.62 -11.13 -9.61
C GLU A 86 -8.13 -11.21 -9.82
N LEU A 87 -7.41 -11.56 -8.76
CA LEU A 87 -5.96 -11.54 -8.77
C LEU A 87 -5.38 -12.41 -9.89
N GLY A 88 -4.56 -11.77 -10.71
CA GLY A 88 -3.84 -12.45 -11.75
C GLY A 88 -4.56 -12.39 -13.07
N VAL A 89 -5.70 -11.70 -13.12
CA VAL A 89 -6.42 -11.37 -14.35
C VAL A 89 -5.97 -9.96 -14.61
N PRO A 90 -5.15 -9.73 -15.66
CA PRO A 90 -4.63 -8.40 -15.99
C PRO A 90 -5.76 -7.45 -16.35
N PHE A 91 -5.54 -6.16 -16.11
CA PHE A 91 -6.56 -5.15 -16.31
C PHE A 91 -6.88 -4.95 -17.81
N HIS A 92 -7.62 -5.91 -18.35
CA HIS A 92 -8.15 -5.88 -19.70
C HIS A 92 -9.36 -4.96 -19.79
N LEU A 93 -9.84 -4.76 -21.01
CA LEU A 93 -10.93 -3.84 -21.27
C LEU A 93 -12.25 -4.24 -20.65
N GLY A 94 -12.35 -5.48 -20.18
CA GLY A 94 -13.57 -5.95 -19.51
C GLY A 94 -13.52 -5.82 -18.01
N THR A 95 -12.48 -5.13 -17.53
CA THR A 95 -12.27 -4.90 -16.11
C THR A 95 -13.29 -3.88 -15.60
N LYS A 96 -13.87 -4.17 -14.42
CA LYS A 96 -14.84 -3.33 -13.78
C LYS A 96 -14.24 -2.15 -13.01
N GLN A 97 -14.68 -0.94 -13.33
CA GLN A 97 -14.30 0.26 -12.61
C GLN A 97 -15.31 0.43 -11.49
N VAL A 98 -14.83 0.36 -10.25
CA VAL A 98 -15.75 0.19 -9.12
C VAL A 98 -16.15 1.52 -8.49
N CYS A 99 -15.37 2.54 -8.78
CA CYS A 99 -15.73 3.93 -8.47
C CYS A 99 -14.76 4.84 -9.20
N ILE A 100 -15.11 6.13 -9.21
CA ILE A 100 -14.21 7.22 -9.60
C ILE A 100 -13.29 7.48 -8.43
N ALA A 101 -12.00 7.54 -8.69
CA ALA A 101 -11.04 7.63 -7.60
C ALA A 101 -9.68 7.93 -8.18
N TRP A 102 -9.01 8.93 -7.61
CA TRP A 102 -7.57 9.13 -7.78
C TRP A 102 -6.83 8.82 -6.49
N SER A 103 -7.58 8.61 -5.41
CA SER A 103 -7.05 7.96 -4.22
C SER A 103 -8.13 7.00 -3.77
N SER A 104 -7.71 5.84 -3.26
CA SER A 104 -8.65 4.80 -2.83
C SER A 104 -8.08 3.82 -1.81
N SER A 105 -8.98 2.94 -1.35
CA SER A 105 -8.70 1.87 -0.40
C SER A 105 -9.91 0.94 -0.36
N SER A 106 -9.70 -0.38 -0.36
CA SER A 106 -10.82 -1.32 -0.31
C SER A 106 -10.68 -2.44 0.74
N CYS A 107 -11.80 -2.97 1.21
CA CYS A 107 -11.77 -4.15 2.08
C CYS A 107 -13.10 -4.87 2.02
N HIS A 108 -13.10 -6.10 2.51
CA HIS A 108 -14.28 -6.96 2.64
C HIS A 108 -14.48 -7.29 4.12
N ASP A 109 -15.65 -7.00 4.66
CA ASP A 109 -15.91 -7.26 6.06
C ASP A 109 -16.34 -8.69 6.33
N GLY A 110 -16.33 -9.53 5.31
CA GLY A 110 -16.81 -10.91 5.44
C GLY A 110 -18.18 -11.08 4.82
N LYS A 111 -18.87 -9.96 4.66
CA LYS A 111 -20.18 -9.94 4.03
C LYS A 111 -20.15 -9.18 2.71
N ALA A 112 -19.46 -8.03 2.65
CA ALA A 112 -19.42 -7.29 1.39
C ALA A 112 -18.23 -6.35 1.25
N TRP A 113 -17.99 -5.88 0.04
CA TRP A 113 -16.89 -4.96 -0.22
C TRP A 113 -17.19 -3.57 0.29
N LEU A 114 -16.16 -2.91 0.82
CA LEU A 114 -16.15 -1.48 0.96
C LEU A 114 -15.10 -0.88 0.01
N HIS A 115 -15.48 0.18 -0.71
CA HIS A 115 -14.54 0.96 -1.49
C HIS A 115 -14.54 2.38 -0.94
N VAL A 116 -13.36 2.92 -0.67
CA VAL A 116 -13.23 4.30 -0.28
C VAL A 116 -12.57 5.07 -1.41
N CYS A 117 -13.33 5.98 -2.00
CA CYS A 117 -12.96 6.58 -3.28
C CYS A 117 -12.93 8.08 -3.20
N ILE A 118 -11.81 8.65 -3.62
CA ILE A 118 -11.62 10.06 -3.51
C ILE A 118 -11.36 10.67 -4.86
N THR A 119 -12.25 11.56 -5.27
CA THR A 119 -12.03 12.31 -6.50
C THR A 119 -12.47 13.79 -6.34
N GLY A 120 -12.28 14.55 -7.42
CA GLY A 120 -12.69 15.94 -7.48
C GLY A 120 -11.54 16.90 -7.23
N ASP A 121 -11.88 18.17 -7.00
CA ASP A 121 -10.92 19.25 -6.88
C ASP A 121 -9.85 18.98 -5.82
N ASP A 122 -8.59 19.25 -6.19
CA ASP A 122 -7.46 19.22 -5.26
C ASP A 122 -7.78 19.93 -3.96
N LYS A 123 -8.54 21.04 -4.01
CA LYS A 123 -8.77 21.86 -2.82
C LYS A 123 -10.11 21.59 -2.10
N ASN A 124 -10.78 20.51 -2.50
CA ASN A 124 -12.17 20.25 -2.15
C ASN A 124 -12.62 18.89 -2.72
N ALA A 125 -11.78 17.89 -2.55
CA ALA A 125 -12.08 16.55 -3.00
C ALA A 125 -13.16 15.84 -2.16
N THR A 126 -13.80 14.85 -2.77
CA THR A 126 -14.91 14.15 -2.16
C THR A 126 -14.57 12.67 -1.98
N ALA A 127 -14.88 12.14 -0.79
CA ALA A 127 -14.62 10.75 -0.48
C ALA A 127 -15.94 10.04 -0.43
N SER A 128 -16.19 9.17 -1.41
CA SER A 128 -17.40 8.39 -1.43
C SER A 128 -17.11 7.07 -0.79
N PHE A 129 -18.10 6.56 -0.08
CA PHE A 129 -18.00 5.28 0.59
C PHE A 129 -19.06 4.38 0.04
N ILE A 130 -18.60 3.30 -0.57
CA ILE A 130 -19.41 2.41 -1.39
C ILE A 130 -19.26 1.07 -0.76
N TYR A 131 -20.39 0.51 -0.31
CA TYR A 131 -20.42 -0.79 0.32
C TYR A 131 -21.55 -1.56 -0.35
N ASN A 132 -21.30 -2.85 -0.64
CA ASN A 132 -22.34 -3.75 -1.18
C ASN A 132 -22.95 -3.18 -2.44
N GLY A 133 -22.10 -2.56 -3.27
CA GLY A 133 -22.49 -2.03 -4.59
C GLY A 133 -23.42 -0.84 -4.62
N ARG A 134 -23.35 0.01 -3.60
CA ARG A 134 -24.21 1.17 -3.46
C ARG A 134 -23.54 2.23 -2.61
N LEU A 135 -23.72 3.48 -2.98
CA LEU A 135 -23.12 4.57 -2.21
C LEU A 135 -23.85 4.79 -0.88
N VAL A 136 -23.12 4.77 0.23
CA VAL A 136 -23.73 4.96 1.55
C VAL A 136 -23.32 6.24 2.27
N ASP A 137 -22.13 6.75 2.00
CA ASP A 137 -21.69 7.97 2.64
C ASP A 137 -20.65 8.72 1.80
N SER A 138 -20.41 9.97 2.19
CA SER A 138 -19.31 10.73 1.62
C SER A 138 -18.84 11.77 2.61
N VAL A 139 -17.58 12.16 2.52
CA VAL A 139 -17.10 13.34 3.24
C VAL A 139 -16.26 14.26 2.34
N VAL A 140 -16.36 15.57 2.58
CA VAL A 140 -15.43 16.55 2.05
C VAL A 140 -14.07 16.48 2.70
N SER A 141 -13.08 16.81 1.90
CA SER A 141 -11.82 17.34 2.37
C SER A 141 -12.05 18.17 3.65
N TRP A 142 -11.26 17.95 4.70
CA TRP A 142 -11.34 18.84 5.89
C TRP A 142 -10.33 19.99 5.86
N SER A 143 -9.20 19.77 5.21
CA SER A 143 -8.15 20.75 5.22
C SER A 143 -7.89 21.37 3.85
N LYS A 144 -8.58 20.87 2.83
CA LYS A 144 -8.60 21.50 1.51
C LYS A 144 -7.26 21.47 0.76
N GLU A 145 -6.65 20.27 0.72
CA GLU A 145 -5.36 20.09 0.09
C GLU A 145 -5.09 18.60 -0.17
N ILE A 146 -5.79 18.06 -1.16
CA ILE A 146 -5.62 16.66 -1.60
C ILE A 146 -5.95 15.69 -0.49
N LEU A 147 -7.22 15.60 -0.13
CA LEU A 147 -7.72 14.53 0.70
C LEU A 147 -7.25 13.23 0.06
N ARG A 148 -6.61 12.37 0.84
CA ARG A 148 -6.06 11.13 0.30
C ARG A 148 -6.12 10.05 1.38
N THR A 149 -6.04 8.79 0.93
CA THR A 149 -6.06 7.63 1.80
C THR A 149 -4.95 6.60 1.43
N GLN A 150 -5.10 5.35 1.87
CA GLN A 150 -4.06 4.32 1.84
C GLN A 150 -3.43 3.90 0.48
N GLU A 151 -4.22 3.69 -0.57
CA GLU A 151 -3.74 2.97 -1.77
C GLU A 151 -3.37 1.51 -1.43
N SER A 152 -4.07 0.98 -0.44
CA SER A 152 -4.01 -0.44 -0.14
C SER A 152 -5.18 -0.75 0.76
N GLU A 153 -5.35 -2.03 1.07
CA GLU A 153 -6.58 -2.47 1.72
C GLU A 153 -6.83 -1.83 3.06
N CYS A 154 -8.07 -1.47 3.31
CA CYS A 154 -8.52 -1.15 4.65
C CYS A 154 -8.70 -2.45 5.41
N VAL A 155 -9.05 -2.39 6.69
CA VAL A 155 -9.19 -3.59 7.52
C VAL A 155 -10.51 -3.54 8.27
N CYS A 156 -11.25 -4.64 8.28
CA CYS A 156 -12.56 -4.69 8.96
C CYS A 156 -12.62 -5.79 9.99
N ILE A 157 -13.09 -5.46 11.19
CA ILE A 157 -13.14 -6.40 12.29
C ILE A 157 -14.51 -6.27 12.91
N ASN A 158 -15.18 -7.40 13.10
CA ASN A 158 -16.54 -7.45 13.60
C ASN A 158 -17.48 -6.56 12.79
N GLY A 159 -17.09 -6.21 11.56
CA GLY A 159 -17.93 -5.38 10.69
C GLY A 159 -17.71 -3.87 10.80
N THR A 160 -16.72 -3.47 11.59
CA THR A 160 -16.29 -2.08 11.63
C THR A 160 -15.00 -1.99 10.84
N CYS A 161 -15.06 -1.26 9.75
CA CYS A 161 -13.90 -1.09 8.89
C CYS A 161 -13.23 0.19 9.29
N THR A 162 -11.92 0.17 9.26
CA THR A 162 -11.20 1.38 9.55
C THR A 162 -10.36 1.80 8.34
N VAL A 163 -10.13 3.11 8.22
CA VAL A 163 -9.28 3.65 7.13
C VAL A 163 -8.57 4.97 7.50
N VAL A 164 -7.29 5.03 7.20
CA VAL A 164 -6.53 6.23 7.44
C VAL A 164 -6.64 7.17 6.25
N MET A 165 -6.98 8.43 6.53
CA MET A 165 -7.06 9.48 5.51
C MET A 165 -6.29 10.71 5.95
N THR A 166 -5.61 11.34 5.01
CA THR A 166 -4.80 12.52 5.27
C THR A 166 -5.27 13.64 4.39
N ASP A 167 -5.35 14.84 4.97
CA ASP A 167 -5.60 16.06 4.21
C ASP A 167 -4.57 17.11 4.63
N GLY A 168 -4.07 17.86 3.65
CA GLY A 168 -3.13 18.94 3.91
C GLY A 168 -1.73 18.70 3.36
N SER A 169 -0.74 19.29 4.02
CA SER A 169 0.64 19.37 3.51
C SER A 169 1.35 18.04 3.30
N ALA A 170 2.10 17.96 2.20
CA ALA A 170 2.97 16.82 1.93
C ALA A 170 4.28 16.93 2.72
N SER A 171 4.76 18.18 2.90
CA SER A 171 6.06 18.42 3.50
C SER A 171 6.01 19.33 4.72
N GLY A 172 4.92 19.24 5.46
CA GLY A 172 4.75 19.89 6.77
C GLY A 172 3.66 19.16 7.54
N LYS A 173 3.20 19.70 8.65
CA LYS A 173 2.10 19.08 9.41
C LYS A 173 0.86 18.94 8.53
N ALA A 174 0.13 17.85 8.73
CA ALA A 174 -1.09 17.65 8.00
C ALA A 174 -2.13 17.08 8.96
N ASP A 175 -3.35 16.92 8.46
CA ASP A 175 -4.44 16.43 9.28
C ASP A 175 -4.89 15.07 8.85
N THR A 176 -4.40 14.10 9.60
CA THR A 176 -4.70 12.72 9.43
C THR A 176 -5.87 12.39 10.35
N LYS A 177 -6.82 11.63 9.81
CA LYS A 177 -7.94 11.13 10.56
C LYS A 177 -8.10 9.65 10.24
N ILE A 178 -8.56 8.90 11.23
CA ILE A 178 -8.92 7.51 11.09
C ILE A 178 -10.45 7.45 11.19
N LEU A 179 -11.11 6.99 10.13
CA LEU A 179 -12.55 6.88 10.07
C LEU A 179 -12.99 5.45 10.44
N PHE A 180 -14.21 5.31 10.96
CA PHE A 180 -14.76 3.98 11.26
C PHE A 180 -16.08 3.79 10.52
N ILE A 181 -16.18 2.67 9.81
CA ILE A 181 -17.26 2.46 8.87
C ILE A 181 -17.96 1.13 9.12
N GLU A 182 -19.26 1.20 9.35
CA GLU A 182 -20.13 0.03 9.53
C GLU A 182 -21.22 0.01 8.47
N GLU A 183 -21.08 -0.95 7.56
CA GLU A 183 -21.92 -1.07 6.38
C GLU A 183 -21.85 0.18 5.46
N GLY A 184 -20.66 0.76 5.35
CA GLY A 184 -20.47 1.90 4.44
C GLY A 184 -20.73 3.25 5.08
N LYS A 185 -21.27 3.20 6.32
CA LYS A 185 -21.59 4.39 7.10
C LYS A 185 -20.43 4.84 8.00
N ILE A 186 -19.96 6.08 7.82
CA ILE A 186 -18.97 6.67 8.74
C ILE A 186 -19.61 6.85 10.12
N VAL A 187 -19.25 5.99 11.08
CA VAL A 187 -19.93 5.99 12.40
C VAL A 187 -19.17 6.77 13.48
N HIS A 188 -17.89 7.03 13.20
CA HIS A 188 -17.02 7.83 14.06
C HIS A 188 -15.80 8.25 13.28
N THR A 189 -15.23 9.37 13.71
CA THR A 189 -13.94 9.79 13.24
C THR A 189 -13.11 10.06 14.49
N SER A 190 -11.95 9.41 14.59
CA SER A 190 -10.91 9.78 15.53
C SER A 190 -9.81 10.50 14.77
N THR A 191 -9.21 11.52 15.35
CA THR A 191 -8.07 12.18 14.70
C THR A 191 -6.75 11.58 15.14
N LEU A 192 -5.74 11.77 14.29
CA LEU A 192 -4.41 11.24 14.55
C LEU A 192 -3.83 11.72 15.88
N SER A 193 -3.37 10.76 16.68
CA SER A 193 -2.85 11.02 18.01
C SER A 193 -1.60 10.19 18.28
N GLY A 194 -0.90 10.47 19.39
CA GLY A 194 0.40 9.84 19.68
C GLY A 194 1.55 10.53 18.93
N SER A 195 2.72 9.91 18.93
CA SER A 195 3.93 10.62 18.53
C SER A 195 4.32 10.60 17.04
N ALA A 196 3.48 10.00 16.20
CA ALA A 196 3.75 9.99 14.75
C ALA A 196 3.44 11.37 14.18
N GLN A 197 4.40 11.94 13.47
CA GLN A 197 4.32 13.34 13.07
C GLN A 197 3.70 13.55 11.69
N HIS A 198 4.09 12.71 10.74
CA HIS A 198 3.55 12.78 9.39
C HIS A 198 3.17 11.37 8.90
N VAL A 199 1.91 11.25 8.50
CA VAL A 199 1.33 9.97 8.16
C VAL A 199 0.78 10.01 6.74
N GLU A 200 1.17 9.02 5.96
CA GLU A 200 0.51 8.74 4.71
C GLU A 200 0.29 7.26 4.47
N GLU A 201 -0.45 7.01 3.38
CA GLU A 201 -0.51 5.75 2.68
C GLU A 201 -0.20 4.59 3.58
N CYS A 202 -1.04 4.40 4.59
CA CYS A 202 -0.82 3.35 5.56
C CYS A 202 -1.10 1.99 4.97
N SER A 203 -0.14 1.10 5.12
CA SER A 203 -0.34 -0.31 4.86
C SER A 203 -0.76 -0.92 6.18
N CYS A 204 -2.01 -1.33 6.22
CA CYS A 204 -2.68 -1.71 7.44
C CYS A 204 -3.06 -3.19 7.46
N TYR A 205 -3.14 -3.74 8.65
CA TYR A 205 -3.42 -5.16 8.79
C TYR A 205 -4.08 -5.50 10.10
N PRO A 206 -5.00 -6.47 10.07
CA PRO A 206 -5.64 -6.86 11.34
C PRO A 206 -4.59 -7.36 12.33
N ARG A 207 -4.88 -7.19 13.62
CA ARG A 207 -4.02 -7.66 14.69
C ARG A 207 -4.88 -7.71 15.97
N TYR A 208 -5.81 -8.67 15.97
CA TYR A 208 -6.84 -8.77 16.99
C TYR A 208 -6.40 -8.41 18.41
N PRO A 209 -7.14 -7.51 19.09
CA PRO A 209 -8.43 -6.93 18.71
C PRO A 209 -8.40 -5.62 17.91
N GLY A 210 -7.23 -5.18 17.44
CA GLY A 210 -7.14 -3.89 16.79
C GLY A 210 -6.64 -3.99 15.37
N VAL A 211 -6.41 -2.84 14.75
CA VAL A 211 -5.73 -2.76 13.46
C VAL A 211 -4.39 -2.14 13.72
N ARG A 212 -3.45 -2.40 12.83
CA ARG A 212 -2.15 -1.77 12.88
C ARG A 212 -1.70 -1.36 11.48
N CYS A 213 -1.06 -0.21 11.40
CA CYS A 213 -0.71 0.36 10.13
C CYS A 213 0.75 0.77 10.13
N VAL A 214 1.40 0.65 8.99
CA VAL A 214 2.78 1.10 8.87
C VAL A 214 2.84 2.06 7.72
N CYS A 215 3.15 3.31 8.01
CA CYS A 215 2.82 4.33 7.04
C CYS A 215 4.02 4.93 6.36
N ARG A 216 3.80 6.06 5.70
CA ARG A 216 4.85 6.82 5.06
C ARG A 216 4.90 8.22 5.65
N ASP A 217 6.02 8.56 6.27
CA ASP A 217 6.32 9.94 6.66
C ASP A 217 6.97 10.63 5.47
N ASN A 218 6.30 11.64 4.92
CA ASN A 218 6.84 12.34 3.74
C ASN A 218 7.65 13.59 4.09
N TRP A 219 7.88 13.82 5.37
CA TRP A 219 8.38 15.11 5.85
C TRP A 219 9.79 15.04 6.47
N LYS A 220 9.90 14.40 7.64
CA LYS A 220 11.14 14.35 8.39
C LYS A 220 11.70 12.94 8.64
N GLY A 221 10.97 11.91 8.21
CA GLY A 221 11.36 10.56 8.57
C GLY A 221 11.66 9.63 7.42
N SER A 222 12.78 8.91 7.54
CA SER A 222 13.05 7.76 6.68
C SER A 222 12.72 6.48 7.43
N ASN A 223 12.54 6.56 8.74
CA ASN A 223 11.78 5.53 9.44
C ASN A 223 10.31 5.67 9.05
N ARG A 224 9.57 4.57 9.06
CA ARG A 224 8.14 4.58 8.77
C ARG A 224 7.33 4.77 10.08
N PRO A 225 6.26 5.58 10.01
CA PRO A 225 5.33 5.64 11.14
C PRO A 225 4.58 4.33 11.38
N ILE A 226 4.08 4.16 12.60
CA ILE A 226 3.16 3.08 13.00
C ILE A 226 1.95 3.77 13.58
N VAL A 227 0.76 3.22 13.30
CA VAL A 227 -0.49 3.70 13.90
C VAL A 227 -1.29 2.51 14.47
N ASP A 228 -1.68 2.57 15.73
CA ASP A 228 -2.50 1.52 16.35
C ASP A 228 -3.91 1.98 16.55
N ILE A 229 -4.86 1.19 16.07
CA ILE A 229 -6.24 1.60 16.03
C ILE A 229 -7.08 0.64 16.87
N ASN A 230 -7.64 1.16 17.95
CA ASN A 230 -8.57 0.39 18.74
C ASN A 230 -9.93 0.49 18.09
N ILE A 231 -10.44 -0.63 17.63
CA ILE A 231 -11.70 -0.63 16.91
C ILE A 231 -12.89 -0.42 17.83
N LYS A 232 -12.76 -0.82 19.11
CA LYS A 232 -13.90 -0.82 20.03
C LYS A 232 -14.19 0.54 20.70
N ASP A 233 -13.15 1.20 21.19
CA ASP A 233 -13.34 2.52 21.77
C ASP A 233 -12.73 3.65 20.92
N HIS A 234 -12.19 3.33 19.74
CA HIS A 234 -11.77 4.33 18.75
C HIS A 234 -10.49 5.11 19.07
N SER A 235 -9.78 4.67 20.10
CA SER A 235 -8.54 5.34 20.50
C SER A 235 -7.43 5.11 19.48
N ILE A 236 -6.48 6.02 19.42
CA ILE A 236 -5.39 5.99 18.45
C ILE A 236 -4.04 6.28 19.15
N VAL A 237 -3.07 5.39 19.00
CA VAL A 237 -1.69 5.71 19.39
C VAL A 237 -0.81 5.69 18.16
N SER A 238 0.36 6.32 18.21
CA SER A 238 1.25 6.33 17.06
C SER A 238 2.72 6.48 17.43
N SER A 239 3.61 5.97 16.57
CA SER A 239 5.04 5.98 16.79
C SER A 239 5.83 5.75 15.48
N TYR A 240 7.05 5.20 15.58
CA TYR A 240 7.81 4.78 14.41
C TYR A 240 8.41 3.38 14.59
N VAL A 241 8.64 2.72 13.46
CA VAL A 241 9.31 1.43 13.43
C VAL A 241 10.71 1.58 14.01
N CYS A 242 10.88 1.04 15.22
CA CYS A 242 12.15 1.04 15.97
C CYS A 242 13.35 0.69 15.10
N SER A 243 13.37 -0.54 14.57
CA SER A 243 14.44 -1.05 13.67
C SER A 243 15.42 -0.02 13.10
N GLY A 244 16.70 -0.22 13.38
CA GLY A 244 17.76 0.67 12.89
C GLY A 244 17.96 0.67 11.37
N LEU A 245 17.60 -0.43 10.70
CA LEU A 245 17.50 -0.44 9.24
C LEU A 245 16.10 0.07 8.90
N VAL A 246 16.05 1.20 8.21
CA VAL A 246 14.81 1.95 7.99
C VAL A 246 14.20 1.63 6.61
N GLY A 247 12.90 1.88 6.47
CA GLY A 247 12.11 1.35 5.37
C GLY A 247 11.63 2.29 4.29
N ASP A 248 11.82 3.58 4.48
CA ASP A 248 11.44 4.54 3.44
C ASP A 248 12.47 4.67 2.32
N THR A 249 12.09 5.38 1.27
CA THR A 249 12.97 5.71 0.18
C THR A 249 12.54 7.11 -0.25
N PRO A 250 13.45 8.10 -0.15
CA PRO A 250 14.86 8.00 0.28
C PRO A 250 15.16 7.63 1.73
N ARG A 251 16.41 7.22 1.95
CA ARG A 251 16.96 6.97 3.27
C ARG A 251 18.49 7.07 3.18
N LYS A 252 19.15 7.04 4.33
CA LYS A 252 20.61 6.94 4.39
C LYS A 252 20.99 5.46 4.27
N ASN A 253 22.22 5.17 3.82
CA ASN A 253 22.66 3.77 3.72
C ASN A 253 22.68 3.02 5.08
N ASP A 254 22.94 1.72 5.02
CA ASP A 254 22.86 0.83 6.18
C ASP A 254 23.82 1.18 7.33
N SER A 255 25.04 1.59 6.98
CA SER A 255 26.05 1.95 7.98
C SER A 255 25.81 3.33 8.58
N SER A 256 25.26 4.24 7.77
CA SER A 256 25.01 5.65 8.17
C SER A 256 23.68 5.88 8.85
N SER A 257 22.74 4.94 8.70
CA SER A 257 21.35 5.17 9.11
C SER A 257 21.15 5.10 10.62
N SER A 258 20.06 5.71 11.07
CA SER A 258 19.59 5.57 12.44
C SER A 258 18.07 5.79 12.47
N SER A 259 17.43 5.29 13.53
CA SER A 259 16.00 5.36 13.68
C SER A 259 15.69 5.91 15.07
N HIS A 260 14.45 5.72 15.52
CA HIS A 260 13.98 6.16 16.84
C HIS A 260 12.57 5.60 16.92
N CYS A 261 12.19 5.08 18.08
CA CYS A 261 10.87 4.48 18.24
C CYS A 261 9.72 5.48 18.25
N LEU A 262 9.95 6.68 18.76
CA LEU A 262 8.89 7.71 18.90
C LEU A 262 8.97 8.93 17.95
N ASP A 263 10.09 9.13 17.26
CA ASP A 263 10.35 10.37 16.51
C ASP A 263 10.86 10.13 15.10
N PRO A 264 10.58 11.06 14.15
CA PRO A 264 11.22 10.91 12.83
C PRO A 264 12.73 11.00 12.94
N ASN A 265 13.44 10.13 12.25
CA ASN A 265 14.90 10.13 12.36
C ASN A 265 15.57 11.40 11.84
N ASN A 266 14.83 12.19 11.09
CA ASN A 266 15.38 13.39 10.46
C ASN A 266 16.50 13.04 9.48
N GLU A 267 16.30 11.93 8.77
CA GLU A 267 17.34 11.43 7.88
C GLU A 267 16.84 11.31 6.44
N GLU A 268 17.25 12.28 5.61
CA GLU A 268 16.77 12.41 4.23
C GLU A 268 15.22 12.39 4.19
N GLY A 269 14.61 12.55 5.36
CA GLY A 269 13.17 12.33 5.61
C GLY A 269 12.20 12.77 4.52
N GLY A 270 12.40 13.97 4.01
CA GLY A 270 11.51 14.54 2.98
C GLY A 270 11.20 13.54 1.90
N HIS A 271 9.97 13.61 1.38
CA HIS A 271 9.54 12.63 0.38
C HIS A 271 9.39 11.23 1.01
N GLY A 272 8.98 10.26 0.21
CA GLY A 272 8.96 8.88 0.64
C GLY A 272 8.38 7.98 -0.42
N VAL A 273 8.15 6.72 -0.04
CA VAL A 273 7.47 5.77 -0.89
C VAL A 273 6.57 4.89 0.00
N LYS A 274 5.46 4.42 -0.56
CA LYS A 274 4.52 3.62 0.20
C LYS A 274 5.21 2.30 0.52
N GLY A 275 4.99 1.79 1.72
CA GLY A 275 5.65 0.57 2.13
C GLY A 275 4.90 -0.09 3.26
N TRP A 276 5.47 -1.15 3.80
CA TRP A 276 4.77 -1.99 4.76
C TRP A 276 5.79 -2.56 5.72
N ALA A 277 5.29 -3.04 6.86
CA ALA A 277 6.06 -3.84 7.82
C ALA A 277 5.07 -4.45 8.78
N PHE A 278 5.49 -5.48 9.51
CA PHE A 278 4.67 -6.03 10.61
C PHE A 278 5.49 -6.72 11.69
N ASP A 279 4.95 -6.71 12.89
CA ASP A 279 5.63 -7.24 14.06
C ASP A 279 5.61 -8.76 14.13
N ASP A 280 6.74 -9.32 14.57
CA ASP A 280 6.89 -10.74 14.82
C ASP A 280 7.50 -10.92 16.22
N GLY A 281 6.67 -10.88 17.25
CA GLY A 281 7.18 -10.73 18.60
C GLY A 281 7.81 -9.36 18.70
N ASN A 282 9.07 -9.31 19.15
CA ASN A 282 9.86 -8.07 19.16
C ASN A 282 10.70 -7.93 17.88
N ASP A 283 10.60 -8.89 16.98
CA ASP A 283 11.23 -8.74 15.68
C ASP A 283 10.26 -8.07 14.73
N VAL A 284 10.78 -7.54 13.62
CA VAL A 284 9.96 -6.95 12.59
C VAL A 284 10.26 -7.54 11.23
N TRP A 285 9.22 -7.91 10.48
CA TRP A 285 9.33 -8.12 9.03
C TRP A 285 8.95 -6.85 8.31
N MET A 286 9.76 -6.50 7.32
CA MET A 286 9.52 -5.36 6.47
C MET A 286 10.13 -5.68 5.13
N GLY A 287 9.79 -4.87 4.14
CA GLY A 287 10.47 -4.86 2.86
C GLY A 287 10.73 -3.42 2.52
N ARG A 288 11.48 -3.19 1.43
CA ARG A 288 11.84 -1.84 1.02
C ARG A 288 12.52 -1.93 -0.33
N THR A 289 12.72 -0.77 -0.97
CA THR A 289 13.52 -0.71 -2.18
C THR A 289 14.96 -0.99 -1.79
N ILE A 290 15.70 -1.67 -2.65
CA ILE A 290 17.12 -1.94 -2.35
C ILE A 290 17.96 -0.63 -2.45
N ASN A 291 17.86 0.06 -3.58
CA ASN A 291 18.49 1.37 -3.77
C ASN A 291 17.93 2.30 -2.70
N GLU A 292 18.77 3.14 -2.12
CA GLU A 292 18.37 3.89 -0.92
C GLU A 292 17.81 5.26 -1.27
N THR A 293 17.99 5.68 -2.51
CA THR A 293 17.56 7.01 -2.94
C THR A 293 16.37 6.95 -3.91
N SER A 294 16.29 5.88 -4.70
CA SER A 294 15.24 5.70 -5.70
C SER A 294 14.53 4.32 -5.64
N ARG A 295 13.46 4.21 -6.42
CA ARG A 295 12.59 3.03 -6.44
C ARG A 295 13.08 1.96 -7.41
N LEU A 296 14.38 1.68 -7.36
CA LEU A 296 14.99 0.58 -8.10
C LEU A 296 15.26 -0.57 -7.13
N GLY A 297 14.86 -1.78 -7.54
CA GLY A 297 14.99 -2.99 -6.73
C GLY A 297 14.00 -3.09 -5.59
N TYR A 298 13.87 -4.29 -5.02
CA TYR A 298 13.02 -4.53 -3.83
C TYR A 298 13.37 -5.80 -3.05
N GLU A 299 13.64 -5.62 -1.77
CA GLU A 299 14.10 -6.69 -0.89
C GLU A 299 13.15 -6.80 0.29
N THR A 300 13.20 -7.92 1.00
CA THR A 300 12.52 -8.09 2.31
C THR A 300 13.45 -8.80 3.30
N PHE A 301 13.29 -8.48 4.59
CA PHE A 301 14.05 -9.14 5.65
C PHE A 301 13.40 -9.13 7.04
N LYS A 302 13.97 -9.93 7.94
CA LYS A 302 13.59 -9.84 9.35
C LYS A 302 14.70 -9.17 10.16
N VAL A 303 14.42 -7.99 10.68
CA VAL A 303 15.29 -7.39 11.66
C VAL A 303 14.94 -7.95 13.04
N ILE A 304 15.94 -8.57 13.66
CA ILE A 304 15.80 -9.18 14.98
C ILE A 304 15.84 -8.05 16.01
N GLU A 305 14.94 -8.14 17.01
CA GLU A 305 14.64 -7.06 17.96
C GLU A 305 14.32 -5.72 17.26
N GLY A 306 14.12 -5.77 15.94
CA GLY A 306 13.92 -4.56 15.14
C GLY A 306 12.56 -3.90 15.32
N TRP A 307 11.72 -4.45 16.19
CA TRP A 307 10.42 -3.86 16.48
C TRP A 307 10.41 -3.07 17.79
N SER A 308 11.40 -3.34 18.66
CA SER A 308 11.48 -2.77 20.01
C SER A 308 12.88 -2.18 20.37
N ASN A 309 13.82 -2.26 19.43
CA ASN A 309 15.14 -1.72 19.67
C ASN A 309 15.64 -0.85 18.51
N PRO A 310 15.63 0.47 18.70
CA PRO A 310 15.98 1.42 17.64
C PRO A 310 17.44 1.39 17.23
N LYS A 311 18.24 0.54 17.90
CA LYS A 311 19.68 0.44 17.63
C LYS A 311 20.04 -0.79 16.79
N SER A 312 19.14 -1.79 16.79
CA SER A 312 19.33 -3.05 16.07
C SER A 312 19.41 -2.89 14.55
N LYS A 313 20.46 -3.47 13.96
CA LYS A 313 20.62 -3.54 12.52
C LYS A 313 20.97 -4.98 12.14
N LEU A 314 20.39 -5.93 12.89
CA LEU A 314 20.64 -7.34 12.68
C LEU A 314 19.53 -8.00 11.85
N GLN A 315 19.73 -7.99 10.54
CA GLN A 315 18.79 -8.62 9.61
C GLN A 315 19.17 -10.04 9.27
N ILE A 316 18.13 -10.82 9.00
CA ILE A 316 18.25 -12.21 8.59
C ILE A 316 17.09 -12.48 7.62
N ASN A 317 17.21 -13.57 6.85
CA ASN A 317 16.20 -14.01 5.90
C ASN A 317 15.95 -13.01 4.79
N ARG A 318 17.02 -12.34 4.35
CA ARG A 318 16.91 -11.48 3.19
C ARG A 318 16.41 -12.29 2.02
N GLN A 319 15.48 -11.71 1.26
CA GLN A 319 15.12 -12.18 -0.09
C GLN A 319 15.12 -11.00 -1.05
N VAL A 320 15.73 -11.19 -2.20
CA VAL A 320 15.53 -10.24 -3.29
C VAL A 320 14.17 -10.58 -3.87
N ILE A 321 13.26 -9.61 -3.92
CA ILE A 321 12.03 -9.77 -4.68
C ILE A 321 12.25 -9.26 -6.10
N VAL A 322 12.84 -8.08 -6.21
CA VAL A 322 13.19 -7.49 -7.51
C VAL A 322 14.62 -6.98 -7.38
N ASP A 323 15.46 -7.36 -8.34
CA ASP A 323 16.86 -7.00 -8.34
C ASP A 323 17.09 -5.47 -8.54
N ARG A 324 18.27 -5.02 -8.15
CA ARG A 324 18.62 -3.59 -8.02
C ARG A 324 18.75 -2.82 -9.33
N GLY A 325 18.68 -3.51 -10.47
CA GLY A 325 18.66 -2.84 -11.78
C GLY A 325 17.24 -2.64 -12.30
N ASN A 326 16.31 -3.36 -11.70
CA ASN A 326 14.92 -3.30 -12.13
C ASN A 326 14.09 -2.42 -11.21
N ARG A 327 13.08 -1.77 -11.79
CA ARG A 327 12.27 -0.75 -11.10
C ARG A 327 11.24 -1.32 -10.12
N SER A 328 11.06 -0.67 -8.98
CA SER A 328 9.96 -1.05 -8.08
C SER A 328 8.98 0.11 -7.94
N GLY A 329 8.53 0.36 -6.71
CA GLY A 329 7.48 1.33 -6.47
C GLY A 329 6.72 0.97 -5.21
N TYR A 330 5.51 1.49 -5.09
CA TYR A 330 4.67 1.25 -3.92
C TYR A 330 4.66 -0.23 -3.57
N SER A 331 4.49 -0.54 -2.31
CA SER A 331 4.29 -1.92 -1.91
C SER A 331 3.39 -1.84 -0.70
N GLY A 332 2.62 -2.86 -0.42
CA GLY A 332 1.72 -2.78 0.73
C GLY A 332 1.36 -4.15 1.21
N ILE A 333 0.83 -4.22 2.42
CA ILE A 333 0.50 -5.49 3.02
C ILE A 333 -0.95 -5.84 2.74
N PHE A 334 -1.24 -7.13 2.71
CA PHE A 334 -2.61 -7.60 2.86
C PHE A 334 -2.61 -8.89 3.68
N SER A 335 -3.76 -9.28 4.21
CA SER A 335 -3.83 -10.40 5.15
C SER A 335 -4.90 -11.41 4.77
N VAL A 336 -4.53 -12.68 4.86
CA VAL A 336 -5.32 -13.77 4.32
C VAL A 336 -5.51 -14.81 5.43
N GLU A 337 -6.76 -15.03 5.82
CA GLU A 337 -7.12 -15.95 6.88
C GLU A 337 -6.95 -17.41 6.46
N GLY A 338 -6.08 -18.12 7.16
CA GLY A 338 -5.93 -19.57 6.98
C GLY A 338 -6.88 -20.37 7.87
N LYS A 339 -6.64 -21.68 7.95
CA LYS A 339 -7.52 -22.57 8.71
C LYS A 339 -7.35 -22.28 10.19
N SER A 340 -6.11 -22.01 10.59
CA SER A 340 -5.71 -21.84 11.98
C SER A 340 -5.04 -20.48 12.28
N CYS A 341 -4.50 -19.83 11.25
CA CYS A 341 -3.72 -18.62 11.46
C CYS A 341 -3.97 -17.55 10.39
N ILE A 342 -3.61 -16.30 10.69
CA ILE A 342 -3.67 -15.21 9.70
C ILE A 342 -2.32 -15.03 9.02
N ASN A 343 -2.27 -15.31 7.73
CA ASN A 343 -1.01 -15.15 7.00
C ASN A 343 -0.86 -13.70 6.57
N ARG A 344 0.37 -13.27 6.27
CA ARG A 344 0.62 -11.90 5.77
C ARG A 344 1.22 -11.91 4.36
N CYS A 345 0.63 -11.15 3.46
CA CYS A 345 1.19 -11.08 2.11
C CYS A 345 1.54 -9.67 1.68
N PHE A 346 2.32 -9.56 0.60
CA PHE A 346 2.58 -8.22 0.03
C PHE A 346 2.63 -8.20 -1.49
N TYR A 347 2.19 -7.09 -2.06
CA TYR A 347 2.32 -6.85 -3.50
C TYR A 347 3.40 -5.80 -3.67
N VAL A 348 3.96 -5.68 -4.87
CA VAL A 348 4.91 -4.61 -5.16
C VAL A 348 4.63 -4.02 -6.52
N GLU A 349 4.28 -2.74 -6.54
CA GLU A 349 4.16 -1.99 -7.78
C GLU A 349 5.48 -1.96 -8.53
N LEU A 350 5.47 -2.49 -9.76
CA LEU A 350 6.59 -2.33 -10.66
C LEU A 350 6.24 -1.22 -11.63
N ILE A 351 6.74 -0.02 -11.34
CA ILE A 351 6.46 1.16 -12.18
C ILE A 351 7.31 1.22 -13.46
N ARG A 352 6.67 1.41 -14.60
CA ARG A 352 7.41 1.75 -15.81
C ARG A 352 6.89 3.04 -16.45
N GLY A 353 7.79 3.69 -17.19
CA GLY A 353 7.49 4.91 -17.93
C GLY A 353 8.07 6.17 -17.30
N ARG A 354 7.38 7.28 -17.52
CA ARG A 354 7.85 8.59 -17.10
C ARG A 354 7.75 8.75 -15.57
N LYS A 355 8.54 9.64 -14.97
CA LYS A 355 9.53 10.48 -15.69
C LYS A 355 10.89 9.81 -15.90
N GLU A 356 11.15 8.77 -15.11
CA GLU A 356 12.43 8.07 -15.12
C GLU A 356 12.80 7.50 -16.49
N GLU A 357 11.85 6.81 -17.12
CA GLU A 357 12.07 6.23 -18.45
C GLU A 357 11.47 7.10 -19.54
N THR A 358 12.30 7.50 -20.51
CA THR A 358 11.89 8.48 -21.54
C THR A 358 11.58 7.89 -22.93
N GLU A 359 11.74 6.58 -23.07
CA GLU A 359 11.48 5.88 -24.33
C GLU A 359 10.01 5.92 -24.75
N VAL A 360 9.14 6.21 -23.78
CA VAL A 360 7.70 6.23 -24.01
C VAL A 360 7.09 7.40 -23.27
N LEU A 361 5.88 7.79 -23.66
CA LEU A 361 5.24 8.98 -23.12
C LEU A 361 4.34 8.72 -21.90
N TRP A 362 4.13 7.45 -21.59
CA TRP A 362 3.15 7.02 -20.59
C TRP A 362 3.75 6.60 -19.24
N THR A 363 2.89 6.36 -18.26
CA THR A 363 3.31 5.87 -16.95
C THR A 363 2.36 4.81 -16.42
N SER A 364 2.86 3.59 -16.32
CA SER A 364 2.05 2.51 -15.82
C SER A 364 2.76 1.68 -14.76
N ASN A 365 2.24 0.49 -14.51
CA ASN A 365 2.84 -0.44 -13.57
C ASN A 365 2.30 -1.82 -13.83
N SER A 366 3.09 -2.83 -13.47
CA SER A 366 2.54 -4.16 -13.29
C SER A 366 2.67 -4.52 -11.79
N ILE A 367 2.26 -5.71 -11.40
CA ILE A 367 2.53 -6.11 -10.03
C ILE A 367 3.19 -7.46 -9.99
N VAL A 368 3.80 -7.72 -8.84
CA VAL A 368 4.18 -9.04 -8.42
C VAL A 368 3.80 -9.13 -6.94
N VAL A 369 3.41 -10.31 -6.50
CA VAL A 369 2.77 -10.49 -5.19
C VAL A 369 3.42 -11.69 -4.53
N PHE A 370 3.75 -11.57 -3.25
CA PHE A 370 4.25 -12.68 -2.43
C PHE A 370 3.44 -12.94 -1.18
N CYS A 371 3.61 -14.11 -0.60
CA CYS A 371 2.94 -14.45 0.64
C CYS A 371 3.84 -15.12 1.65
N GLY A 372 3.58 -14.79 2.93
CA GLY A 372 4.23 -15.40 4.05
C GLY A 372 4.08 -16.89 3.97
N THR A 373 5.18 -17.58 4.26
CA THR A 373 5.23 -19.03 4.26
C THR A 373 5.99 -19.48 5.48
N SER A 374 5.60 -20.63 6.01
CA SER A 374 6.32 -21.23 7.14
C SER A 374 7.17 -22.39 6.61
N GLY A 375 7.08 -22.61 5.30
CA GLY A 375 7.94 -23.59 4.62
C GLY A 375 9.34 -23.05 4.31
N THR A 376 10.00 -23.72 3.39
CA THR A 376 11.29 -23.29 2.86
C THR A 376 11.12 -22.55 1.54
N TYR A 377 12.14 -21.88 1.05
CA TYR A 377 12.05 -21.16 -0.25
C TYR A 377 13.44 -20.87 -0.78
N GLY A 378 13.53 -20.50 -2.05
CA GLY A 378 14.83 -20.32 -2.72
C GLY A 378 15.16 -18.88 -3.02
N THR A 379 15.61 -18.60 -4.23
CA THR A 379 16.02 -17.23 -4.60
C THR A 379 15.59 -16.95 -6.02
N GLY A 380 15.38 -15.65 -6.32
CA GLY A 380 15.11 -15.21 -7.67
C GLY A 380 14.85 -13.72 -7.80
N SER A 381 14.27 -13.36 -8.94
CA SER A 381 14.05 -11.96 -9.30
C SER A 381 12.86 -11.89 -10.24
N TRP A 382 11.86 -11.10 -9.87
CA TRP A 382 10.65 -11.01 -10.70
C TRP A 382 10.35 -9.57 -11.11
N PRO A 383 11.08 -9.06 -12.11
CA PRO A 383 10.86 -7.69 -12.52
C PRO A 383 9.72 -7.56 -13.53
N ASP A 384 9.54 -6.36 -14.07
CA ASP A 384 8.44 -6.11 -14.95
C ASP A 384 8.59 -6.86 -16.27
N GLY A 385 9.82 -6.89 -16.78
CA GLY A 385 10.13 -7.58 -18.03
C GLY A 385 9.73 -6.91 -19.32
N ALA A 386 9.21 -5.71 -19.27
CA ALA A 386 8.86 -5.03 -20.50
C ALA A 386 10.06 -4.30 -21.12
N ASP A 387 10.25 -4.47 -22.43
CA ASP A 387 11.36 -3.81 -23.12
C ASP A 387 10.87 -2.52 -23.74
N LEU A 388 11.13 -1.41 -23.07
CA LEU A 388 10.49 -0.15 -23.42
C LEU A 388 11.02 0.44 -24.71
N ASN A 389 12.12 -0.12 -25.20
CA ASN A 389 12.72 0.24 -26.45
C ASN A 389 11.87 -0.25 -27.62
N LEU A 390 10.93 -1.15 -27.31
CA LEU A 390 10.14 -1.83 -28.34
C LEU A 390 8.63 -1.56 -28.25
N MET A 391 8.22 -0.84 -27.21
CA MET A 391 6.81 -0.61 -26.88
C MET A 391 6.21 0.57 -27.63
N PRO A 392 4.87 0.54 -27.90
CA PRO A 392 4.09 1.59 -28.56
C PRO A 392 4.77 2.97 -28.69
N ILE A 393 5.39 3.16 -29.86
CA ILE A 393 6.19 4.34 -30.21
C ILE A 393 5.33 5.61 -30.28
#